data_6ETD
#
_entry.id   6ETD
#
_cell.length_a   66.130
_cell.length_b   123.640
_cell.length_c   132.110
_cell.angle_alpha   90.00
_cell.angle_beta   90.00
_cell.angle_gamma   90.00
#
_symmetry.space_group_name_H-M   'I 2 2 2'
#
loop_
_entity.id
_entity.type
_entity.pdbx_description
1 polymer 'Molybdopterin biosynthesis protein CNX1'
2 non-polymer 'ADENOSINE MONOPHOSPHATE'
3 non-polymer 'MAGNESIUM ION'
4 non-polymer 1,2-ETHANEDIOL
5 non-polymer 'ACETYL GROUP'
6 water water
#
_entity_poly.entity_id   1
_entity_poly.type   'polypeptide(L)'
_entity_poly.pdbx_seq_one_letter_code
;MSRGSMEGQGCCGGGGGKTEMIPTEEALRIVFGVSKRLPPVIVSLYEALGKVLAEDIRAPDPLPPYPASVKDGYAVVASD
GPGEYPVITESRAGNDGLGVTVTPGTVAYVTTGGPIPDGADAVVQVEDTKVIGDVSTESKRVKILIQTKKGTDIRRVG
(CSX)DIEKDATVLTTGERIGASEIGLLATAGVTMVKVYPMPIVAILSTGDELVEPTAGTLGRGQIRDSNRAMLVAAVMQ
QQCKVVDLGIVRDDRKELEKVLDEAVSSGVDIILTSGGVSMGDRDFVKPLLEEKGKVYFSKVLMKPGKPLTFAEIRAKPT
ESMLGKTVLAFGLPGNPVSCLVCFNIFVVPTIRQLAGWTSPHPLRVRLRLQEPIKSDPIRPEFHRAIIKWKDNDGSGTPG
FVAESTGHQMSSRLLSMRSANALLELPATGNVLSAGSSVSAIIVSDISAFSIDKKASLSEPGSTSGGSAWSHPQFEK
;
_entity_poly.pdbx_strand_id   A
#
loop_
_chem_comp.id
_chem_comp.type
_chem_comp.name
_chem_comp.formula
ACE non-polymer 'ACETYL GROUP' 'C2 H4 O'
AMP non-polymer 'ADENOSINE MONOPHOSPHATE' 'C10 H14 N5 O7 P'
EDO non-polymer 1,2-ETHANEDIOL 'C2 H6 O2'
MG non-polymer 'MAGNESIUM ION' 'Mg 2'
#
# COMPACT_ATOMS: atom_id res chain seq x y z
N MET A 21 23.88 22.43 -2.97
CA MET A 21 22.90 21.71 -3.80
C MET A 21 23.34 20.24 -3.96
N ILE A 22 22.62 19.30 -3.33
CA ILE A 22 22.99 17.87 -3.35
C ILE A 22 22.16 17.07 -4.35
N PRO A 23 22.69 15.95 -4.89
CA PRO A 23 21.87 15.13 -5.80
C PRO A 23 20.68 14.49 -5.07
N THR A 24 19.59 14.17 -5.80
CA THR A 24 18.38 13.59 -5.19
C THR A 24 18.67 12.26 -4.48
N GLU A 25 19.60 11.44 -5.03
CA GLU A 25 19.98 10.14 -4.48
C GLU A 25 20.56 10.34 -3.08
N GLU A 26 21.42 11.37 -2.89
CA GLU A 26 22.00 11.68 -1.57
C GLU A 26 20.94 12.22 -0.62
N ALA A 27 20.08 13.15 -1.08
CA ALA A 27 18.99 13.72 -0.27
C ALA A 27 18.09 12.59 0.26
N LEU A 28 17.78 11.59 -0.60
CA LEU A 28 16.98 10.42 -0.19
C LEU A 28 17.69 9.57 0.87
N ARG A 29 18.98 9.29 0.69
CA ARG A 29 19.76 8.53 1.67
C ARG A 29 19.78 9.24 3.03
N ILE A 30 19.88 10.58 3.03
CA ILE A 30 19.89 11.37 4.27
C ILE A 30 18.53 11.21 4.98
N VAL A 31 17.43 11.34 4.22
CA VAL A 31 16.08 11.21 4.76
C VAL A 31 15.89 9.78 5.34
N PHE A 32 16.29 8.75 4.59
N PHE A 32 16.28 8.73 4.59
CA PHE A 32 16.21 7.34 5.00
CA PHE A 32 16.16 7.35 5.07
C PHE A 32 16.99 7.10 6.30
C PHE A 32 16.98 7.13 6.35
N GLY A 33 18.20 7.68 6.38
CA GLY A 33 19.09 7.55 7.54
C GLY A 33 18.58 8.23 8.80
N VAL A 34 17.79 9.29 8.65
CA VAL A 34 17.23 10.04 9.78
C VAL A 34 15.88 9.46 10.22
N SER A 35 15.05 8.97 9.26
CA SER A 35 13.70 8.46 9.48
C SER A 35 13.68 7.13 10.23
N LYS A 36 12.93 7.07 11.35
CA LYS A 36 12.87 5.87 12.18
C LYS A 36 11.47 5.30 12.24
N ARG A 37 11.40 3.97 12.21
CA ARG A 37 10.13 3.27 12.34
C ARG A 37 9.45 3.68 13.65
N LEU A 38 8.14 3.91 13.61
CA LEU A 38 7.38 4.32 14.78
C LEU A 38 7.19 3.15 15.75
N PRO A 39 7.00 3.42 17.07
CA PRO A 39 6.77 2.31 18.01
C PRO A 39 5.48 1.55 17.65
N PRO A 40 5.47 0.21 17.73
CA PRO A 40 4.26 -0.54 17.39
C PRO A 40 3.12 -0.32 18.38
N VAL A 41 1.90 -0.57 17.91
CA VAL A 41 0.68 -0.40 18.70
C VAL A 41 -0.20 -1.62 18.47
N ILE A 42 -1.26 -1.75 19.28
CA ILE A 42 -2.21 -2.87 19.19
C ILE A 42 -3.51 -2.30 18.65
N VAL A 43 -4.03 -2.88 17.57
CA VAL A 43 -5.24 -2.37 16.89
C VAL A 43 -6.21 -3.52 16.66
N SER A 44 -7.45 -3.19 16.30
CA SER A 44 -8.44 -4.22 16.02
C SER A 44 -8.24 -4.76 14.60
N LEU A 45 -8.91 -5.87 14.28
CA LEU A 45 -8.77 -6.52 12.98
C LEU A 45 -8.87 -5.60 11.77
N TYR A 46 -9.96 -4.81 11.65
CA TYR A 46 -10.13 -3.93 10.48
C TYR A 46 -9.25 -2.71 10.50
N GLU A 47 -8.74 -2.32 11.68
CA GLU A 47 -7.76 -1.24 11.78
C GLU A 47 -6.39 -1.72 11.30
N ALA A 48 -6.10 -3.03 11.36
CA ALA A 48 -4.82 -3.57 10.90
C ALA A 48 -4.70 -3.52 9.35
N LEU A 49 -5.81 -3.42 8.59
CA LEU A 49 -5.74 -3.38 7.13
C LEU A 49 -4.87 -2.21 6.64
N GLY A 50 -3.92 -2.52 5.77
CA GLY A 50 -3.02 -1.54 5.18
C GLY A 50 -1.74 -1.38 5.98
N LYS A 51 -1.72 -1.84 7.24
CA LYS A 51 -0.58 -1.71 8.15
C LYS A 51 0.38 -2.86 8.07
N VAL A 52 1.61 -2.61 8.53
CA VAL A 52 2.65 -3.62 8.56
C VAL A 52 2.62 -4.34 9.91
N LEU A 53 2.61 -5.67 9.85
CA LEU A 53 2.68 -6.52 11.04
C LEU A 53 3.94 -6.27 11.85
N ALA A 54 3.79 -6.16 13.20
CA ALA A 54 4.89 -5.98 14.14
C ALA A 54 5.07 -7.25 15.02
N GLU A 55 4.48 -8.39 14.62
CA GLU A 55 4.64 -9.66 15.31
C GLU A 55 4.35 -10.79 14.33
N ASP A 56 4.82 -12.00 14.62
CA ASP A 56 4.49 -13.17 13.83
C ASP A 56 3.12 -13.65 14.30
N ILE A 57 2.37 -14.31 13.40
CA ILE A 57 1.06 -14.86 13.72
C ILE A 57 1.13 -16.36 13.46
N ARG A 58 0.84 -17.17 14.49
CA ARG A 58 0.84 -18.63 14.39
C ARG A 58 -0.57 -19.18 14.50
N ALA A 59 -0.90 -20.21 13.71
CA ALA A 59 -2.20 -20.86 13.78
C ALA A 59 -2.39 -21.59 15.15
N PRO A 60 -3.41 -21.23 15.97
CA PRO A 60 -3.63 -21.96 17.24
C PRO A 60 -4.21 -23.38 17.05
N ASP A 61 -4.79 -23.66 15.88
CA ASP A 61 -5.35 -24.99 15.58
C ASP A 61 -5.14 -25.25 14.07
N PRO A 62 -5.26 -26.51 13.60
CA PRO A 62 -5.06 -26.76 12.17
C PRO A 62 -6.24 -26.30 11.31
N LEU A 63 -5.98 -26.15 10.01
CA LEU A 63 -7.03 -25.94 9.02
C LEU A 63 -6.89 -27.03 7.93
N PRO A 64 -7.91 -27.88 7.74
CA PRO A 64 -9.15 -27.97 8.52
C PRO A 64 -8.82 -28.62 9.89
N PRO A 65 -9.56 -28.32 10.96
CA PRO A 65 -9.26 -28.98 12.27
C PRO A 65 -9.80 -30.42 12.38
N TYR A 66 -10.58 -30.87 11.38
CA TYR A 66 -11.16 -32.20 11.30
C TYR A 66 -10.94 -32.65 9.85
N PRO A 67 -10.92 -33.97 9.55
CA PRO A 67 -10.80 -34.39 8.14
C PRO A 67 -12.06 -33.94 7.43
N ALA A 68 -11.92 -33.14 6.36
CA ALA A 68 -13.06 -32.51 5.70
C ALA A 68 -13.24 -32.93 4.27
N SER A 69 -14.51 -33.04 3.85
CA SER A 69 -14.79 -33.40 2.46
C SER A 69 -14.53 -32.22 1.54
N VAL A 70 -13.93 -32.50 0.36
CA VAL A 70 -13.67 -31.52 -0.70
C VAL A 70 -14.95 -31.41 -1.55
N LYS A 71 -15.85 -32.44 -1.48
CA LYS A 71 -17.01 -32.51 -2.34
C LYS A 71 -18.35 -32.78 -1.65
N ASP A 72 -19.41 -32.48 -2.39
CA ASP A 72 -20.76 -32.87 -2.00
C ASP A 72 -20.89 -34.28 -2.60
N GLY A 73 -21.19 -35.28 -1.76
CA GLY A 73 -21.30 -36.64 -2.23
C GLY A 73 -21.31 -37.62 -1.10
N TYR A 74 -20.53 -38.70 -1.22
CA TYR A 74 -20.54 -39.76 -0.21
C TYR A 74 -19.17 -40.14 0.23
N ALA A 75 -19.03 -40.31 1.57
CA ALA A 75 -17.81 -40.76 2.21
C ALA A 75 -17.92 -42.28 2.19
N VAL A 76 -16.89 -42.94 1.66
CA VAL A 76 -16.89 -44.39 1.46
C VAL A 76 -15.60 -45.03 1.98
N VAL A 77 -15.58 -46.37 1.97
CA VAL A 77 -14.39 -47.19 2.23
C VAL A 77 -13.96 -47.47 0.78
N ALA A 78 -12.82 -46.90 0.35
CA ALA A 78 -12.30 -47.00 -1.03
C ALA A 78 -12.26 -48.42 -1.59
N SER A 79 -11.79 -49.38 -0.80
CA SER A 79 -11.68 -50.78 -1.20
C SER A 79 -13.04 -51.43 -1.58
N ASP A 80 -14.18 -50.90 -1.08
CA ASP A 80 -15.50 -51.46 -1.42
C ASP A 80 -15.76 -51.45 -2.94
N GLY A 81 -15.38 -50.36 -3.60
CA GLY A 81 -15.57 -50.21 -5.04
C GLY A 81 -16.99 -49.91 -5.46
N PRO A 82 -17.25 -49.86 -6.78
CA PRO A 82 -18.62 -49.60 -7.24
C PRO A 82 -19.63 -50.66 -6.76
N GLY A 83 -20.83 -50.20 -6.44
CA GLY A 83 -21.89 -51.05 -5.92
C GLY A 83 -22.99 -50.24 -5.26
N GLU A 84 -23.98 -50.94 -4.68
CA GLU A 84 -25.10 -50.33 -3.98
C GLU A 84 -24.89 -50.45 -2.49
N TYR A 85 -25.08 -49.35 -1.72
CA TYR A 85 -24.84 -49.34 -0.28
C TYR A 85 -25.86 -48.52 0.49
N PRO A 86 -26.17 -48.90 1.76
CA PRO A 86 -27.07 -48.06 2.58
C PRO A 86 -26.32 -46.82 3.06
N VAL A 87 -27.04 -45.70 3.21
CA VAL A 87 -26.48 -44.45 3.70
C VAL A 87 -26.74 -44.46 5.21
N ILE A 88 -25.69 -44.67 6.04
CA ILE A 88 -25.85 -44.80 7.49
C ILE A 88 -25.82 -43.47 8.27
N THR A 89 -25.32 -42.37 7.69
CA THR A 89 -25.38 -41.06 8.35
C THR A 89 -25.23 -39.97 7.33
N GLU A 90 -25.41 -38.72 7.75
CA GLU A 90 -25.28 -37.55 6.88
C GLU A 90 -24.38 -36.58 7.62
N SER A 91 -23.30 -36.10 6.99
CA SER A 91 -22.33 -35.22 7.64
C SER A 91 -22.04 -33.94 6.87
N ARG A 92 -22.55 -32.80 7.39
CA ARG A 92 -22.39 -31.46 6.85
C ARG A 92 -21.61 -30.52 7.75
N ALA A 93 -21.78 -30.63 9.08
CA ALA A 93 -21.10 -29.72 10.01
C ALA A 93 -21.20 -30.23 11.45
N GLY A 94 -20.45 -29.58 12.33
CA GLY A 94 -20.47 -29.82 13.77
C GLY A 94 -20.38 -31.28 14.19
N ASN A 95 -21.38 -31.73 14.95
CA ASN A 95 -21.45 -33.11 15.48
C ASN A 95 -22.17 -34.09 14.58
N ASP A 96 -22.43 -33.73 13.32
CA ASP A 96 -23.09 -34.65 12.41
C ASP A 96 -22.22 -35.92 12.25
N GLY A 97 -22.86 -37.09 12.43
CA GLY A 97 -22.18 -38.38 12.31
C GLY A 97 -21.26 -38.72 13.46
N LEU A 98 -21.35 -37.99 14.61
CA LEU A 98 -20.50 -38.26 15.77
C LEU A 98 -20.90 -39.63 16.33
N GLY A 99 -19.90 -40.48 16.56
CA GLY A 99 -20.13 -41.83 17.07
C GLY A 99 -20.52 -42.85 16.03
N VAL A 100 -20.75 -42.43 14.74
CA VAL A 100 -21.11 -43.35 13.67
C VAL A 100 -19.82 -43.80 12.96
N THR A 101 -19.65 -45.11 12.76
CA THR A 101 -18.47 -45.62 12.08
C THR A 101 -18.89 -46.14 10.72
N VAL A 102 -18.31 -45.59 9.64
CA VAL A 102 -18.56 -46.11 8.28
C VAL A 102 -17.71 -47.38 8.18
N THR A 103 -18.36 -48.54 8.13
CA THR A 103 -17.68 -49.84 7.99
C THR A 103 -17.71 -50.30 6.54
N PRO A 104 -16.90 -51.31 6.16
CA PRO A 104 -17.01 -51.84 4.78
C PRO A 104 -18.45 -52.28 4.47
N GLY A 105 -18.98 -51.80 3.35
CA GLY A 105 -20.34 -52.08 2.91
C GLY A 105 -21.33 -50.99 3.22
N THR A 106 -20.87 -49.83 3.73
CA THR A 106 -21.75 -48.70 4.04
C THR A 106 -21.12 -47.42 3.50
N VAL A 107 -21.91 -46.33 3.47
CA VAL A 107 -21.46 -45.01 3.02
C VAL A 107 -22.16 -43.97 3.86
N ALA A 108 -21.64 -42.72 3.84
CA ALA A 108 -22.23 -41.62 4.55
C ALA A 108 -22.37 -40.45 3.60
N TYR A 109 -23.51 -39.75 3.60
CA TYR A 109 -23.62 -38.51 2.78
C TYR A 109 -22.73 -37.42 3.38
N VAL A 110 -22.04 -36.62 2.53
CA VAL A 110 -21.23 -35.50 2.98
C VAL A 110 -21.46 -34.29 2.09
N THR A 111 -21.31 -33.08 2.64
CA THR A 111 -21.33 -31.84 1.85
C THR A 111 -19.89 -31.34 1.90
N THR A 112 -19.51 -30.43 0.97
CA THR A 112 -18.16 -29.86 1.00
C THR A 112 -17.95 -29.16 2.33
N GLY A 113 -16.86 -29.49 3.01
CA GLY A 113 -16.53 -28.96 4.33
C GLY A 113 -17.11 -29.77 5.48
N GLY A 114 -17.89 -30.81 5.18
CA GLY A 114 -18.46 -31.65 6.21
C GLY A 114 -17.43 -32.60 6.80
N PRO A 115 -17.48 -32.87 8.12
CA PRO A 115 -16.50 -33.81 8.71
C PRO A 115 -16.61 -35.25 8.19
N ILE A 116 -15.49 -35.88 7.87
CA ILE A 116 -15.51 -37.26 7.38
C ILE A 116 -15.79 -38.19 8.58
N PRO A 117 -16.87 -39.00 8.57
CA PRO A 117 -17.11 -39.90 9.71
C PRO A 117 -15.98 -40.91 9.86
N ASP A 118 -15.77 -41.41 11.10
CA ASP A 118 -14.75 -42.44 11.36
C ASP A 118 -14.97 -43.64 10.43
N GLY A 119 -13.89 -44.25 9.98
CA GLY A 119 -13.95 -45.43 9.13
C GLY A 119 -14.01 -45.14 7.63
N ALA A 120 -14.50 -43.95 7.20
CA ALA A 120 -14.52 -43.64 5.76
C ALA A 120 -13.14 -43.12 5.41
N ASP A 121 -12.59 -43.51 4.26
CA ASP A 121 -11.25 -43.11 3.86
C ASP A 121 -11.18 -42.40 2.49
N ALA A 122 -12.32 -42.16 1.84
CA ALA A 122 -12.34 -41.42 0.57
C ALA A 122 -13.73 -40.83 0.34
N VAL A 123 -13.84 -39.87 -0.60
CA VAL A 123 -15.13 -39.27 -0.92
C VAL A 123 -15.37 -39.46 -2.42
N VAL A 124 -16.59 -39.86 -2.78
CA VAL A 124 -17.00 -39.97 -4.18
C VAL A 124 -17.97 -38.80 -4.41
N GLN A 125 -17.62 -37.86 -5.30
CA GLN A 125 -18.50 -36.72 -5.60
C GLN A 125 -19.87 -37.22 -6.08
N VAL A 126 -20.93 -36.45 -5.74
CA VAL A 126 -22.33 -36.80 -6.02
C VAL A 126 -22.57 -37.09 -7.53
N GLU A 127 -21.79 -36.46 -8.44
CA GLU A 127 -21.95 -36.70 -9.88
C GLU A 127 -21.60 -38.14 -10.26
N ASP A 128 -20.79 -38.85 -9.45
CA ASP A 128 -20.43 -40.25 -9.68
C ASP A 128 -21.26 -41.20 -8.81
N THR A 129 -22.51 -40.80 -8.48
CA THR A 129 -23.43 -41.62 -7.68
C THR A 129 -24.87 -41.48 -8.19
N LYS A 130 -25.74 -42.36 -7.73
CA LYS A 130 -27.16 -42.34 -8.08
C LYS A 130 -27.95 -42.83 -6.90
N VAL A 131 -29.01 -42.09 -6.48
CA VAL A 131 -29.87 -42.52 -5.36
C VAL A 131 -30.78 -43.66 -5.88
N ILE A 132 -30.93 -44.73 -5.09
CA ILE A 132 -31.74 -45.91 -5.44
C ILE A 132 -32.89 -46.13 -4.46
N GLY A 133 -34.08 -46.41 -4.99
CA GLY A 133 -35.27 -46.70 -4.21
C GLY A 133 -36.17 -45.51 -3.94
N ASP A 134 -37.33 -45.80 -3.31
CA ASP A 134 -38.39 -44.85 -2.97
C ASP A 134 -38.22 -44.31 -1.52
N VAL A 135 -39.25 -44.39 -0.62
CA VAL A 135 -39.19 -43.92 0.77
C VAL A 135 -38.81 -42.44 0.86
N SER A 139 -35.38 -45.46 4.95
CA SER A 139 -34.07 -46.05 4.64
C SER A 139 -33.57 -45.54 3.29
N LYS A 140 -32.32 -45.03 3.24
CA LYS A 140 -31.69 -44.46 2.04
C LYS A 140 -30.57 -45.37 1.52
N ARG A 141 -30.53 -45.55 0.18
CA ARG A 141 -29.53 -46.37 -0.52
C ARG A 141 -28.96 -45.59 -1.72
N VAL A 142 -27.66 -45.77 -1.97
CA VAL A 142 -27.00 -45.07 -3.08
C VAL A 142 -26.11 -46.04 -3.85
N LYS A 143 -26.01 -45.81 -5.16
CA LYS A 143 -25.16 -46.57 -6.04
C LYS A 143 -23.90 -45.72 -6.32
N ILE A 144 -22.72 -46.26 -5.97
CA ILE A 144 -21.42 -45.63 -6.22
C ILE A 144 -21.02 -46.12 -7.62
N LEU A 145 -20.87 -45.20 -8.58
CA LEU A 145 -20.58 -45.57 -9.98
C LEU A 145 -19.10 -45.76 -10.32
N ILE A 146 -18.14 -45.47 -9.41
CA ILE A 146 -16.71 -45.60 -9.73
C ILE A 146 -15.89 -46.31 -8.66
N GLN A 147 -14.64 -46.63 -9.05
CA GLN A 147 -13.63 -47.16 -8.15
C GLN A 147 -12.79 -45.94 -7.73
N THR A 148 -12.88 -45.53 -6.46
CA THR A 148 -12.11 -44.41 -5.94
C THR A 148 -10.81 -44.95 -5.32
N LYS A 149 -9.96 -44.04 -4.84
CA LYS A 149 -8.67 -44.37 -4.22
C LYS A 149 -8.65 -43.75 -2.82
N LYS A 150 -8.02 -44.42 -1.85
CA LYS A 150 -7.92 -43.93 -0.47
C LYS A 150 -7.38 -42.48 -0.46
N GLY A 151 -8.01 -41.63 0.36
CA GLY A 151 -7.65 -40.21 0.51
C GLY A 151 -8.24 -39.25 -0.52
N THR A 152 -8.95 -39.76 -1.53
CA THR A 152 -9.51 -38.93 -2.61
C THR A 152 -10.55 -37.94 -2.09
N ASP A 153 -10.43 -36.67 -2.51
CA ASP A 153 -11.39 -35.62 -2.15
C ASP A 153 -11.66 -35.48 -0.62
N ILE A 154 -10.62 -35.69 0.19
CA ILE A 154 -10.64 -35.45 1.63
C ILE A 154 -9.45 -34.52 1.92
N ARG A 155 -9.69 -33.50 2.73
CA ARG A 155 -8.66 -32.59 3.22
C ARG A 155 -8.29 -33.14 4.60
N ARG A 156 -7.12 -33.77 4.75
CA ARG A 156 -6.70 -34.29 6.07
C ARG A 156 -6.60 -33.13 7.06
N VAL A 157 -6.56 -33.42 8.35
CA VAL A 157 -6.40 -32.41 9.38
C VAL A 157 -5.09 -31.62 9.11
N GLY A 158 -5.20 -30.30 9.05
CA GLY A 158 -4.04 -29.43 8.87
C GLY A 158 -3.41 -29.40 7.50
N CSX A 159 -4.09 -29.93 6.48
CA CSX A 159 -3.51 -29.92 5.15
CB CSX A 159 -4.09 -30.89 4.16
SG CSX A 159 -5.69 -30.36 3.68
C CSX A 159 -3.39 -28.51 4.55
O CSX A 159 -2.47 -28.27 3.79
OD CSX A 159 -5.45 -29.82 2.34
N ASP A 160 -4.30 -27.56 4.92
CA ASP A 160 -4.19 -26.18 4.43
C ASP A 160 -3.28 -25.35 5.31
N ILE A 161 -3.38 -25.55 6.65
CA ILE A 161 -2.57 -24.85 7.65
C ILE A 161 -2.31 -25.82 8.78
N GLU A 162 -1.05 -26.00 9.16
CA GLU A 162 -0.73 -26.88 10.29
C GLU A 162 -0.84 -26.10 11.58
N LYS A 163 -1.23 -26.78 12.67
CA LYS A 163 -1.29 -26.16 14.01
C LYS A 163 0.14 -25.64 14.36
N ASP A 164 0.24 -24.39 14.84
CA ASP A 164 1.47 -23.71 15.23
C ASP A 164 2.32 -23.22 14.05
N ALA A 165 1.86 -23.39 12.80
CA ALA A 165 2.59 -22.86 11.65
C ALA A 165 2.54 -21.34 11.68
N THR A 166 3.60 -20.67 11.19
CA THR A 166 3.59 -19.22 11.09
C THR A 166 2.82 -18.87 9.80
N VAL A 167 1.65 -18.24 9.93
CA VAL A 167 0.83 -17.87 8.75
C VAL A 167 1.17 -16.45 8.27
N LEU A 168 1.70 -15.58 9.16
CA LEU A 168 2.06 -14.20 8.80
C LEU A 168 3.25 -13.81 9.64
N THR A 169 4.17 -13.01 9.08
CA THR A 169 5.41 -12.66 9.78
C THR A 169 5.55 -11.17 9.95
N THR A 170 6.45 -10.77 10.88
N THR A 170 6.39 -10.76 10.92
CA THR A 170 6.81 -9.37 11.14
CA THR A 170 6.71 -9.35 11.18
C THR A 170 7.31 -8.73 9.85
C THR A 170 7.30 -8.73 9.89
N GLY A 171 6.89 -7.52 9.55
CA GLY A 171 7.33 -6.82 8.34
C GLY A 171 6.41 -7.08 7.16
N GLU A 172 5.35 -7.88 7.35
CA GLU A 172 4.43 -8.18 6.26
C GLU A 172 3.27 -7.19 6.24
N ARG A 173 2.98 -6.59 5.06
CA ARG A 173 1.87 -5.64 4.99
C ARG A 173 0.56 -6.39 4.91
N ILE A 174 -0.43 -5.92 5.67
CA ILE A 174 -1.73 -6.60 5.74
C ILE A 174 -2.68 -6.12 4.64
N GLY A 175 -3.03 -7.04 3.74
CA GLY A 175 -4.05 -6.86 2.70
C GLY A 175 -5.24 -7.75 3.02
N ALA A 176 -6.16 -7.91 2.07
CA ALA A 176 -7.38 -8.70 2.30
C ALA A 176 -7.12 -10.18 2.66
N SER A 177 -6.22 -10.85 1.94
CA SER A 177 -5.92 -12.25 2.25
C SER A 177 -5.25 -12.38 3.63
N GLU A 178 -4.41 -11.41 4.02
CA GLU A 178 -3.77 -11.42 5.34
C GLU A 178 -4.83 -11.20 6.42
N ILE A 179 -5.86 -10.34 6.16
CA ILE A 179 -7.01 -10.20 7.09
C ILE A 179 -7.71 -11.57 7.20
N GLY A 180 -7.89 -12.25 6.06
CA GLY A 180 -8.48 -13.58 6.03
C GLY A 180 -7.70 -14.59 6.87
N LEU A 181 -6.36 -14.53 6.79
CA LEU A 181 -5.50 -15.44 7.59
C LEU A 181 -5.57 -15.13 9.08
N LEU A 182 -5.65 -13.83 9.46
CA LEU A 182 -5.83 -13.44 10.87
C LEU A 182 -7.18 -13.98 11.42
N ALA A 183 -8.27 -13.85 10.62
CA ALA A 183 -9.59 -14.36 11.00
C ALA A 183 -9.55 -15.91 11.10
N THR A 184 -8.85 -16.59 10.18
CA THR A 184 -8.70 -18.05 10.21
C THR A 184 -8.07 -18.48 11.53
N ALA A 185 -7.01 -17.75 11.96
CA ALA A 185 -6.26 -18.03 13.19
C ALA A 185 -6.89 -17.45 14.45
N GLY A 186 -8.08 -16.85 14.34
CA GLY A 186 -8.78 -16.30 15.50
C GLY A 186 -8.13 -15.08 16.14
N VAL A 187 -7.47 -14.25 15.33
CA VAL A 187 -6.78 -13.05 15.83
C VAL A 187 -7.66 -11.86 15.52
N THR A 188 -8.16 -11.18 16.54
CA THR A 188 -8.97 -9.97 16.30
C THR A 188 -8.29 -8.70 16.87
N MET A 189 -7.14 -8.83 17.59
CA MET A 189 -6.32 -7.72 18.07
C MET A 189 -4.90 -8.01 17.56
N VAL A 190 -4.33 -7.07 16.81
CA VAL A 190 -3.10 -7.24 16.06
C VAL A 190 -2.04 -6.21 16.45
N LYS A 191 -0.79 -6.65 16.64
CA LYS A 191 0.33 -5.74 16.88
C LYS A 191 0.87 -5.29 15.50
N VAL A 192 0.85 -3.99 15.25
CA VAL A 192 1.28 -3.42 13.96
C VAL A 192 2.10 -2.14 14.16
N TYR A 193 2.73 -1.67 13.08
CA TYR A 193 3.40 -0.38 13.08
C TYR A 193 2.30 0.62 12.66
N PRO A 194 2.11 1.73 13.40
CA PRO A 194 1.04 2.67 13.01
C PRO A 194 1.50 3.54 11.85
N MET A 195 0.58 4.33 11.31
CA MET A 195 0.90 5.31 10.28
C MET A 195 1.37 6.60 11.02
N PRO A 196 2.29 7.38 10.46
CA PRO A 196 2.63 8.67 11.09
C PRO A 196 1.46 9.65 10.98
N ILE A 197 1.41 10.62 11.89
CA ILE A 197 0.41 11.69 11.88
C ILE A 197 1.15 12.89 11.24
N VAL A 198 0.51 13.52 10.26
CA VAL A 198 1.14 14.59 9.49
C VAL A 198 0.42 15.91 9.67
N ALA A 199 1.16 16.98 10.08
CA ALA A 199 0.66 18.36 10.15
C ALA A 199 1.00 19.01 8.80
N ILE A 200 0.08 19.82 8.28
CA ILE A 200 0.21 20.49 6.99
C ILE A 200 -0.21 21.94 7.14
N LEU A 201 0.61 22.86 6.64
CA LEU A 201 0.26 24.27 6.58
C LEU A 201 0.75 24.86 5.25
N SER A 202 0.19 26.01 4.87
CA SER A 202 0.58 26.77 3.68
C SER A 202 1.11 28.08 4.18
N THR A 203 1.97 28.71 3.38
CA THR A 203 2.53 30.00 3.74
C THR A 203 2.33 31.01 2.59
N GLY A 204 2.04 32.25 2.95
CA GLY A 204 1.97 33.33 1.98
C GLY A 204 0.96 34.42 2.25
N ASP A 205 1.38 35.68 2.09
CA ASP A 205 0.47 36.83 2.20
C ASP A 205 -0.44 36.90 0.99
N GLU A 206 -0.04 36.29 -0.15
CA GLU A 206 -0.83 36.29 -1.37
C GLU A 206 -1.95 35.25 -1.35
N LEU A 207 -1.91 34.27 -0.42
CA LEU A 207 -2.91 33.21 -0.37
C LEU A 207 -4.24 33.62 0.23
N VAL A 208 -5.32 33.02 -0.30
CA VAL A 208 -6.65 33.09 0.27
C VAL A 208 -7.16 31.67 0.35
N GLU A 209 -8.24 31.44 1.09
CA GLU A 209 -8.79 30.10 1.19
C GLU A 209 -9.33 29.66 -0.17
N PRO A 210 -9.38 28.34 -0.46
CA PRO A 210 -10.03 27.90 -1.71
C PRO A 210 -11.55 28.15 -1.75
N THR A 211 -12.18 28.60 -0.65
CA THR A 211 -13.60 28.99 -0.69
C THR A 211 -13.77 30.40 -1.31
N ALA A 212 -12.68 31.19 -1.45
CA ALA A 212 -12.80 32.54 -2.00
C ALA A 212 -13.43 32.55 -3.40
N GLY A 213 -14.31 33.53 -3.62
CA GLY A 213 -14.93 33.81 -4.92
C GLY A 213 -14.02 34.76 -5.65
N THR A 214 -14.49 35.98 -5.97
CA THR A 214 -13.67 37.00 -6.69
C THR A 214 -12.37 37.26 -5.93
N LEU A 215 -11.24 37.15 -6.62
CA LEU A 215 -9.94 37.38 -5.99
C LEU A 215 -9.58 38.87 -6.05
N GLY A 216 -9.02 39.37 -4.94
CA GLY A 216 -8.53 40.74 -4.89
C GLY A 216 -7.23 40.79 -5.65
N ARG A 217 -6.67 41.99 -5.86
CA ARG A 217 -5.38 42.13 -6.54
C ARG A 217 -4.30 41.38 -5.77
N GLY A 218 -3.40 40.72 -6.48
CA GLY A 218 -2.27 40.01 -5.88
C GLY A 218 -2.63 38.84 -4.99
N GLN A 219 -3.78 38.17 -5.24
CA GLN A 219 -4.22 37.00 -4.45
C GLN A 219 -4.42 35.79 -5.35
N ILE A 220 -4.19 34.61 -4.78
CA ILE A 220 -4.43 33.32 -5.42
C ILE A 220 -5.04 32.43 -4.37
N ARG A 221 -5.82 31.41 -4.79
CA ARG A 221 -6.35 30.45 -3.84
C ARG A 221 -5.24 29.50 -3.39
N ASP A 222 -5.26 29.15 -2.09
CA ASP A 222 -4.33 28.18 -1.53
C ASP A 222 -4.69 26.81 -2.13
N SER A 223 -3.87 26.28 -3.06
CA SER A 223 -4.13 24.97 -3.66
C SER A 223 -3.22 23.88 -3.06
N ASN A 224 -2.01 24.22 -2.62
CA ASN A 224 -1.07 23.23 -2.07
C ASN A 224 -1.58 22.51 -0.82
N ARG A 225 -2.26 23.22 0.08
CA ARG A 225 -2.73 22.60 1.32
C ARG A 225 -3.72 21.47 1.05
N ALA A 226 -4.76 21.72 0.23
CA ALA A 226 -5.76 20.68 -0.06
C ALA A 226 -5.15 19.53 -0.87
N MET A 227 -4.23 19.86 -1.79
CA MET A 227 -3.49 18.89 -2.60
C MET A 227 -2.69 17.97 -1.68
N LEU A 228 -1.99 18.55 -0.69
CA LEU A 228 -1.15 17.78 0.24
C LEU A 228 -2.02 16.99 1.22
N VAL A 229 -3.15 17.55 1.67
CA VAL A 229 -4.07 16.83 2.56
C VAL A 229 -4.55 15.57 1.83
N ALA A 230 -4.93 15.74 0.55
CA ALA A 230 -5.39 14.63 -0.30
C ALA A 230 -4.25 13.63 -0.49
N ALA A 231 -3.03 14.12 -0.75
CA ALA A 231 -1.90 13.22 -0.95
C ALA A 231 -1.63 12.38 0.30
N VAL A 232 -1.71 13.00 1.48
CA VAL A 232 -1.50 12.31 2.77
C VAL A 232 -2.68 11.36 3.06
N MET A 233 -3.92 11.74 2.70
CA MET A 233 -5.08 10.83 2.84
C MET A 233 -4.89 9.55 1.97
N GLN A 234 -4.35 9.68 0.76
CA GLN A 234 -4.04 8.53 -0.13
C GLN A 234 -2.96 7.63 0.49
N GLN A 235 -2.07 8.18 1.34
CA GLN A 235 -1.08 7.40 2.09
C GLN A 235 -1.66 6.84 3.41
N GLN A 236 -2.97 7.02 3.68
CA GLN A 236 -3.67 6.47 4.86
C GLN A 236 -3.16 7.02 6.21
N CYS A 237 -2.70 8.28 6.22
CA CYS A 237 -2.26 8.94 7.47
C CYS A 237 -3.29 9.92 7.95
N LYS A 238 -3.35 10.12 9.27
CA LYS A 238 -4.19 11.16 9.85
C LYS A 238 -3.56 12.52 9.47
N VAL A 239 -4.41 13.51 9.18
CA VAL A 239 -3.96 14.84 8.81
C VAL A 239 -4.31 15.84 9.89
N VAL A 240 -3.37 16.72 10.25
CA VAL A 240 -3.60 17.83 11.15
C VAL A 240 -3.48 19.08 10.21
N ASP A 241 -4.61 19.69 9.90
CA ASP A 241 -4.66 20.82 8.98
C ASP A 241 -4.41 22.13 9.75
N LEU A 242 -3.22 22.72 9.60
CA LEU A 242 -2.86 23.94 10.32
C LEU A 242 -3.12 25.24 9.53
N GLY A 243 -3.77 25.15 8.37
CA GLY A 243 -4.20 26.35 7.65
C GLY A 243 -3.14 27.19 6.98
N ILE A 244 -3.51 28.43 6.64
CA ILE A 244 -2.64 29.41 5.99
C ILE A 244 -1.90 30.19 7.06
N VAL A 245 -0.58 30.29 6.90
CA VAL A 245 0.30 31.07 7.78
C VAL A 245 0.86 32.25 6.95
N ARG A 246 0.88 33.46 7.53
CA ARG A 246 1.39 34.64 6.79
C ARG A 246 2.89 34.72 6.87
N ASP A 247 3.50 35.55 5.98
CA ASP A 247 4.96 35.72 5.89
C ASP A 247 5.44 36.64 7.03
N ASP A 248 5.35 36.11 8.23
CA ASP A 248 5.72 36.82 9.45
C ASP A 248 6.48 35.79 10.31
N ARG A 249 7.75 36.09 10.62
CA ARG A 249 8.63 35.15 11.35
C ARG A 249 8.05 34.67 12.70
N LYS A 250 7.56 35.62 13.53
CA LYS A 250 6.99 35.26 14.83
C LYS A 250 5.74 34.36 14.69
N GLU A 251 4.88 34.67 13.73
CA GLU A 251 3.66 33.88 13.47
C GLU A 251 4.01 32.44 13.01
N LEU A 252 4.93 32.30 12.04
CA LEU A 252 5.35 30.99 11.57
C LEU A 252 6.09 30.19 12.67
N GLU A 253 6.90 30.86 13.51
CA GLU A 253 7.56 30.19 14.65
C GLU A 253 6.52 29.61 15.62
N LYS A 254 5.50 30.41 15.95
CA LYS A 254 4.41 29.99 16.85
C LYS A 254 3.68 28.76 16.29
N VAL A 255 3.32 28.78 14.99
CA VAL A 255 2.61 27.65 14.39
C VAL A 255 3.53 26.42 14.35
N LEU A 256 4.83 26.60 14.01
CA LEU A 256 5.77 25.47 14.01
C LEU A 256 5.97 24.93 15.43
N ASP A 257 6.12 25.79 16.45
CA ASP A 257 6.25 25.33 17.85
C ASP A 257 5.01 24.53 18.26
N GLU A 258 3.80 25.02 17.88
CA GLU A 258 2.52 24.32 18.16
C GLU A 258 2.45 22.97 17.40
N ALA A 259 2.91 22.91 16.14
CA ALA A 259 2.93 21.66 15.39
C ALA A 259 3.88 20.63 16.05
N VAL A 260 5.10 21.08 16.44
CA VAL A 260 6.12 20.23 17.07
C VAL A 260 5.66 19.60 18.39
N SER A 261 4.97 20.38 19.25
CA SER A 261 4.54 19.87 20.55
C SER A 261 3.17 19.19 20.53
N SER A 262 2.47 19.14 19.36
CA SER A 262 1.13 18.53 19.27
C SER A 262 1.10 17.00 19.27
N GLY A 263 2.20 16.33 18.93
CA GLY A 263 2.28 14.88 18.85
C GLY A 263 2.39 14.36 17.43
N VAL A 264 2.38 15.25 16.41
CA VAL A 264 2.55 14.77 15.03
C VAL A 264 3.98 14.22 14.84
N ASP A 265 4.14 13.37 13.82
CA ASP A 265 5.44 12.78 13.49
C ASP A 265 6.13 13.50 12.35
N ILE A 266 5.33 14.07 11.42
CA ILE A 266 5.83 14.79 10.24
C ILE A 266 5.11 16.14 10.13
N ILE A 267 5.87 17.17 9.78
CA ILE A 267 5.31 18.49 9.49
C ILE A 267 5.64 18.79 8.01
N LEU A 268 4.61 19.14 7.24
CA LEU A 268 4.77 19.59 5.87
C LEU A 268 4.37 21.08 5.77
N THR A 269 5.31 21.91 5.29
CA THR A 269 5.01 23.31 4.97
C THR A 269 5.22 23.41 3.47
N SER A 270 4.65 24.43 2.83
CA SER A 270 4.96 24.73 1.42
C SER A 270 5.17 26.23 1.32
N GLY A 271 6.02 26.66 0.40
CA GLY A 271 6.33 28.06 0.21
C GLY A 271 7.30 28.56 1.27
N GLY A 272 7.66 29.85 1.19
CA GLY A 272 8.57 30.49 2.13
C GLY A 272 9.94 29.87 2.25
N VAL A 273 10.41 29.17 1.18
CA VAL A 273 11.71 28.47 1.14
C VAL A 273 12.55 28.91 -0.05
N SER A 274 12.21 30.02 -0.74
CA SER A 274 13.02 30.48 -1.88
C SER A 274 14.00 31.57 -1.38
N MET A 275 14.28 32.59 -2.19
CA MET A 275 15.25 33.63 -1.84
C MET A 275 14.59 34.93 -1.41
N GLY A 276 13.28 34.92 -1.10
CA GLY A 276 12.58 36.12 -0.69
C GLY A 276 13.05 36.64 0.67
N ASP A 277 12.90 37.93 0.88
CA ASP A 277 13.31 38.54 2.16
C ASP A 277 12.30 38.18 3.29
N ARG A 278 11.13 37.58 2.96
CA ARG A 278 10.16 37.13 3.95
C ARG A 278 9.93 35.58 3.89
N ASP A 279 10.97 34.83 3.48
CA ASP A 279 10.96 33.35 3.41
C ASP A 279 11.64 32.87 4.70
N PHE A 280 10.82 32.60 5.73
CA PHE A 280 11.27 32.26 7.09
C PHE A 280 11.30 30.76 7.43
N VAL A 281 10.83 29.88 6.54
CA VAL A 281 10.81 28.42 6.80
C VAL A 281 12.21 27.89 7.10
N LYS A 282 13.21 28.13 6.20
CA LYS A 282 14.58 27.63 6.42
C LYS A 282 15.20 28.14 7.72
N PRO A 283 15.31 29.46 7.96
CA PRO A 283 15.96 29.88 9.22
C PRO A 283 15.21 29.42 10.47
N LEU A 284 13.86 29.26 10.40
CA LEU A 284 13.13 28.74 11.57
C LEU A 284 13.44 27.26 11.82
N LEU A 285 13.55 26.44 10.75
CA LEU A 285 13.93 25.04 10.94
C LEU A 285 15.38 24.92 11.45
N GLU A 286 16.28 25.87 11.10
CA GLU A 286 17.66 25.86 11.62
C GLU A 286 17.70 26.18 13.11
N GLU A 287 16.82 27.07 13.58
CA GLU A 287 16.75 27.42 15.02
C GLU A 287 16.18 26.26 15.84
N LYS A 288 15.06 25.68 15.40
CA LYS A 288 14.33 24.64 16.13
C LYS A 288 15.00 23.27 16.12
N GLY A 289 15.67 22.93 15.03
CA GLY A 289 16.31 21.63 14.91
C GLY A 289 17.52 21.63 14.02
N LYS A 290 17.75 20.50 13.33
CA LYS A 290 18.88 20.31 12.44
C LYS A 290 18.38 20.20 11.01
N VAL A 291 18.82 21.11 10.13
CA VAL A 291 18.51 21.10 8.71
C VAL A 291 19.63 20.27 8.05
N TYR A 292 19.26 19.16 7.39
CA TYR A 292 20.27 18.33 6.73
C TYR A 292 20.59 18.86 5.33
N PHE A 293 19.60 19.48 4.66
CA PHE A 293 19.81 20.09 3.34
C PHE A 293 18.70 21.08 3.03
N SER A 294 18.97 22.04 2.14
CA SER A 294 18.01 23.08 1.74
C SER A 294 17.94 23.27 0.21
N LYS A 295 18.72 22.52 -0.57
CA LYS A 295 18.79 22.67 -2.02
C LYS A 295 19.10 21.30 -2.62
N VAL A 296 18.36 20.92 -3.69
CA VAL A 296 18.54 19.62 -4.34
C VAL A 296 18.69 19.84 -5.86
N LEU A 297 19.63 19.10 -6.48
CA LEU A 297 19.90 19.21 -7.92
C LEU A 297 18.78 18.43 -8.64
N MET A 298 17.69 19.12 -8.97
CA MET A 298 16.54 18.46 -9.62
C MET A 298 15.67 19.45 -10.33
N LYS A 299 14.97 18.99 -11.34
CA LYS A 299 13.99 19.80 -12.06
C LYS A 299 12.66 19.03 -12.00
N PRO A 300 11.60 19.54 -11.36
CA PRO A 300 11.49 20.74 -10.52
C PRO A 300 11.78 20.32 -9.06
N GLY A 301 11.73 21.25 -8.11
CA GLY A 301 11.90 20.93 -6.68
C GLY A 301 13.20 21.37 -6.03
N LYS A 302 13.94 22.37 -6.62
CA LYS A 302 15.25 22.84 -6.11
C LYS A 302 15.25 23.29 -4.63
N PRO A 303 14.37 24.23 -4.21
N PRO A 303 14.37 24.19 -4.14
CA PRO A 303 14.31 24.55 -2.79
CA PRO A 303 14.51 24.66 -2.74
C PRO A 303 13.52 23.45 -2.10
C PRO A 303 13.95 23.76 -1.61
N LEU A 304 14.20 22.62 -1.35
N LEU A 304 13.94 22.42 -1.75
CA LEU A 304 13.56 21.54 -0.58
CA LEU A 304 13.46 21.51 -0.68
C LEU A 304 14.37 21.46 0.68
C LEU A 304 14.34 21.54 0.61
N THR A 305 13.73 21.78 1.80
CA THR A 305 14.42 21.76 3.11
C THR A 305 13.95 20.55 3.89
N PHE A 306 14.89 19.81 4.51
CA PHE A 306 14.57 18.66 5.33
C PHE A 306 15.20 18.89 6.70
N ALA A 307 14.40 18.79 7.77
CA ALA A 307 14.93 18.97 9.12
C ALA A 307 14.37 17.94 10.08
N GLU A 308 15.08 17.75 11.20
CA GLU A 308 14.69 16.87 12.29
C GLU A 308 14.62 17.74 13.53
N ILE A 309 13.45 17.79 14.18
CA ILE A 309 13.25 18.56 15.39
C ILE A 309 12.94 17.62 16.54
N ARG A 310 13.50 17.89 17.72
CA ARG A 310 13.19 17.11 18.92
C ARG A 310 12.13 17.91 19.68
N ALA A 311 10.95 17.30 19.94
CA ALA A 311 9.89 17.95 20.73
C ALA A 311 10.29 17.89 22.22
N LYS A 312 10.01 18.96 22.98
CA LYS A 312 10.37 19.06 24.42
C LYS A 312 9.67 17.96 25.27
N PRO A 313 10.38 17.18 26.14
CA PRO A 313 9.66 16.15 26.94
C PRO A 313 8.75 16.72 28.02
N GLY A 319 9.26 12.76 25.23
CA GLY A 319 9.75 13.52 24.09
C GLY A 319 9.98 12.67 22.86
N LYS A 320 9.81 13.25 21.67
CA LYS A 320 10.01 12.51 20.42
C LYS A 320 10.52 13.37 19.28
N THR A 321 11.00 12.69 18.25
CA THR A 321 11.52 13.30 17.03
C THR A 321 10.34 13.70 16.13
N VAL A 322 10.47 14.82 15.44
CA VAL A 322 9.49 15.31 14.44
C VAL A 322 10.29 15.62 13.17
N LEU A 323 9.88 15.05 12.02
CA LEU A 323 10.54 15.30 10.74
C LEU A 323 9.81 16.48 10.05
N ALA A 324 10.56 17.46 9.55
CA ALA A 324 9.96 18.60 8.86
C ALA A 324 10.47 18.67 7.41
N PHE A 325 9.55 18.79 6.45
CA PHE A 325 9.84 18.97 5.04
C PHE A 325 9.33 20.37 4.66
N GLY A 326 10.25 21.27 4.32
CA GLY A 326 9.93 22.60 3.81
C GLY A 326 9.77 22.45 2.32
N LEU A 327 8.58 22.07 1.89
CA LEU A 327 8.32 21.82 0.47
C LEU A 327 8.29 23.13 -0.32
N PRO A 328 8.68 23.09 -1.60
CA PRO A 328 8.62 24.32 -2.41
C PRO A 328 7.17 24.80 -2.61
N GLY A 329 7.02 26.11 -2.81
CA GLY A 329 5.69 26.70 -3.02
C GLY A 329 5.07 26.38 -4.37
N ASN A 330 5.88 26.34 -5.44
CA ASN A 330 5.35 26.03 -6.78
C ASN A 330 4.57 24.71 -6.76
N PRO A 331 3.26 24.74 -7.11
CA PRO A 331 2.43 23.52 -6.98
C PRO A 331 3.01 22.23 -7.52
N VAL A 332 3.67 22.26 -8.67
CA VAL A 332 4.28 21.06 -9.29
C VAL A 332 5.42 20.56 -8.42
N SER A 333 6.35 21.47 -8.10
CA SER A 333 7.52 21.16 -7.26
C SER A 333 7.07 20.62 -5.94
N CYS A 334 5.99 21.20 -5.37
CA CYS A 334 5.42 20.75 -4.10
C CYS A 334 5.03 19.25 -4.17
N LEU A 335 4.19 18.88 -5.16
CA LEU A 335 3.72 17.49 -5.31
C LEU A 335 4.80 16.50 -5.75
N VAL A 336 5.71 16.91 -6.64
CA VAL A 336 6.84 16.08 -7.06
C VAL A 336 7.70 15.73 -5.82
N CYS A 337 8.03 16.74 -5.00
CA CYS A 337 8.83 16.52 -3.78
C CYS A 337 8.07 15.62 -2.79
N PHE A 338 6.74 15.77 -2.70
CA PHE A 338 5.93 14.88 -1.85
C PHE A 338 6.07 13.43 -2.34
N ASN A 339 5.87 13.21 -3.63
CA ASN A 339 5.92 11.88 -4.26
C ASN A 339 7.29 11.19 -4.12
N ILE A 340 8.38 11.95 -4.28
CA ILE A 340 9.74 11.39 -4.23
C ILE A 340 10.29 11.26 -2.82
N PHE A 341 10.10 12.26 -1.96
CA PHE A 341 10.73 12.26 -0.64
C PHE A 341 9.80 11.94 0.53
N VAL A 342 8.57 12.47 0.52
CA VAL A 342 7.65 12.29 1.66
C VAL A 342 7.01 10.89 1.67
N VAL A 343 6.56 10.37 0.51
CA VAL A 343 5.94 9.02 0.44
C VAL A 343 6.88 7.93 1.06
N PRO A 344 8.17 7.82 0.65
CA PRO A 344 9.04 6.81 1.28
C PRO A 344 9.26 7.05 2.77
N THR A 345 9.22 8.33 3.23
CA THR A 345 9.39 8.63 4.66
C THR A 345 8.18 8.15 5.44
N ILE A 346 6.98 8.37 4.89
CA ILE A 346 5.76 7.88 5.55
C ILE A 346 5.84 6.37 5.67
N ARG A 347 6.21 5.69 4.56
CA ARG A 347 6.30 4.24 4.51
C ARG A 347 7.36 3.71 5.49
N GLN A 348 8.53 4.36 5.54
CA GLN A 348 9.57 3.96 6.49
C GLN A 348 9.05 4.08 7.94
N LEU A 349 8.41 5.20 8.30
CA LEU A 349 7.86 5.39 9.66
C LEU A 349 6.79 4.32 9.99
N ALA A 350 6.00 3.94 8.96
CA ALA A 350 4.96 2.91 9.06
C ALA A 350 5.52 1.44 9.00
N GLY A 351 6.85 1.28 9.06
CA GLY A 351 7.48 -0.03 9.13
C GLY A 351 7.58 -0.81 7.84
N TRP A 352 7.46 -0.16 6.67
CA TRP A 352 7.62 -0.85 5.40
C TRP A 352 9.12 -1.19 5.24
N THR A 353 9.43 -2.44 4.91
CA THR A 353 10.82 -2.88 4.66
C THR A 353 11.26 -2.44 3.27
N SER A 354 10.30 -2.23 2.33
CA SER A 354 10.59 -1.79 0.97
C SER A 354 9.84 -0.46 0.70
N PRO A 355 10.34 0.66 1.23
CA PRO A 355 9.61 1.94 1.07
C PRO A 355 9.77 2.63 -0.28
N HIS A 356 10.79 2.23 -1.09
CA HIS A 356 11.09 2.87 -2.38
C HIS A 356 9.91 2.75 -3.34
N PRO A 357 9.75 3.71 -4.26
CA PRO A 357 8.64 3.60 -5.22
C PRO A 357 9.02 2.61 -6.31
N LEU A 358 8.02 2.12 -7.03
CA LEU A 358 8.25 1.21 -8.13
C LEU A 358 8.87 2.02 -9.28
N ARG A 359 10.00 1.54 -9.82
CA ARG A 359 10.69 2.10 -10.97
C ARG A 359 10.58 1.04 -12.05
N VAL A 360 10.15 1.43 -13.25
CA VAL A 360 10.08 0.53 -14.39
C VAL A 360 10.88 1.19 -15.49
N ARG A 361 11.05 0.49 -16.61
CA ARG A 361 11.71 1.01 -17.80
C ARG A 361 10.58 1.11 -18.81
N LEU A 362 10.61 2.15 -19.66
CA LEU A 362 9.54 2.36 -20.64
C LEU A 362 10.05 3.10 -21.87
N ARG A 363 9.27 3.07 -22.97
CA ARG A 363 9.61 3.76 -24.20
C ARG A 363 8.79 5.04 -24.33
N LEU A 364 9.40 6.10 -24.87
CA LEU A 364 8.71 7.37 -25.06
C LEU A 364 7.81 7.33 -26.30
N GLN A 365 6.58 7.85 -26.18
CA GLN A 365 5.64 7.93 -27.31
C GLN A 365 5.91 9.17 -28.17
N GLU A 366 6.69 10.15 -27.67
CA GLU A 366 6.98 11.40 -28.37
C GLU A 366 8.37 11.88 -27.95
N PRO A 367 9.01 12.81 -28.69
CA PRO A 367 10.33 13.29 -28.26
C PRO A 367 10.25 14.19 -27.02
N ILE A 368 11.29 14.17 -26.17
CA ILE A 368 11.36 15.00 -24.97
C ILE A 368 12.78 15.55 -24.83
N LYS A 369 12.90 16.87 -24.62
CA LYS A 369 14.21 17.51 -24.43
C LYS A 369 14.55 17.49 -22.95
N SER A 370 15.72 16.97 -22.60
CA SER A 370 16.17 16.90 -21.21
C SER A 370 16.88 18.22 -20.88
N ASP A 371 17.07 18.51 -19.60
CA ASP A 371 17.73 19.73 -19.17
C ASP A 371 19.27 19.58 -19.23
N PRO A 372 20.05 20.64 -19.59
CA PRO A 372 21.52 20.48 -19.62
C PRO A 372 22.20 20.37 -18.25
N ILE A 373 21.57 20.82 -17.14
CA ILE A 373 22.18 20.84 -15.79
C ILE A 373 21.49 19.90 -14.79
N ARG A 374 20.17 20.08 -14.61
CA ARG A 374 19.42 19.33 -13.61
C ARG A 374 18.71 18.11 -14.15
N PRO A 375 18.83 16.93 -13.49
CA PRO A 375 18.04 15.78 -13.97
C PRO A 375 16.55 16.11 -13.74
N GLU A 376 15.69 15.80 -14.72
CA GLU A 376 14.27 16.16 -14.62
C GLU A 376 13.37 14.99 -14.26
N PHE A 377 12.32 15.30 -13.47
CA PHE A 377 11.25 14.38 -13.09
C PHE A 377 10.06 14.84 -13.94
N HIS A 378 10.09 14.44 -15.21
CA HIS A 378 9.12 14.83 -16.23
C HIS A 378 7.83 14.05 -16.03
N ARG A 379 6.69 14.75 -15.86
CA ARG A 379 5.40 14.07 -15.58
C ARG A 379 4.89 13.41 -16.83
N ALA A 380 4.34 12.18 -16.70
CA ALA A 380 3.86 11.42 -17.83
C ALA A 380 2.63 10.58 -17.49
N ILE A 381 1.90 10.19 -18.55
CA ILE A 381 0.75 9.28 -18.45
C ILE A 381 1.29 8.01 -19.11
N ILE A 382 1.40 6.93 -18.35
CA ILE A 382 1.95 5.68 -18.86
C ILE A 382 0.87 4.58 -18.92
N LYS A 383 1.10 3.62 -19.81
CA LYS A 383 0.19 2.48 -19.96
C LYS A 383 0.93 1.29 -20.52
N TRP A 384 0.41 0.10 -20.27
CA TRP A 384 1.03 -1.11 -20.78
C TRP A 384 0.42 -1.38 -22.14
N LYS A 385 1.26 -1.60 -23.15
CA LYS A 385 0.80 -1.92 -24.51
C LYS A 385 1.30 -3.31 -24.92
N ASP A 386 0.51 -4.00 -25.77
CA ASP A 386 0.86 -5.31 -26.35
C ASP A 386 2.10 -5.14 -27.23
N ASN A 387 2.24 -3.96 -27.87
CA ASN A 387 3.40 -3.58 -28.66
C ASN A 387 3.80 -2.18 -28.18
N ASP A 388 4.99 -2.06 -27.54
CA ASP A 388 5.47 -0.77 -27.05
C ASP A 388 6.20 0.04 -28.17
N GLY A 389 6.09 -0.40 -29.43
CA GLY A 389 6.75 0.21 -30.57
C GLY A 389 7.96 -0.58 -31.04
N SER A 390 8.52 -1.46 -30.17
CA SER A 390 9.69 -2.28 -30.50
C SER A 390 9.36 -3.72 -30.95
N GLY A 391 8.08 -4.07 -31.05
CA GLY A 391 7.65 -5.42 -31.39
C GLY A 391 7.27 -6.29 -30.19
N THR A 392 7.72 -5.91 -28.95
CA THR A 392 7.42 -6.64 -27.71
C THR A 392 6.52 -5.80 -26.80
N PRO A 393 5.75 -6.44 -25.90
CA PRO A 393 4.91 -5.66 -24.98
C PRO A 393 5.71 -4.87 -23.96
N GLY A 394 5.14 -3.77 -23.48
CA GLY A 394 5.83 -2.93 -22.50
C GLY A 394 5.11 -1.65 -22.16
N PHE A 395 5.67 -0.89 -21.20
CA PHE A 395 5.10 0.39 -20.82
C PHE A 395 5.52 1.45 -21.84
N VAL A 396 4.64 2.41 -22.10
CA VAL A 396 4.94 3.54 -23.00
C VAL A 396 4.53 4.77 -22.24
N ALA A 397 5.13 5.91 -22.55
CA ALA A 397 4.80 7.17 -21.84
C ALA A 397 4.51 8.30 -22.79
N GLU A 398 3.51 9.11 -22.42
CA GLU A 398 3.15 10.35 -23.09
C GLU A 398 3.43 11.45 -22.08
N SER A 399 4.03 12.57 -22.53
CA SER A 399 4.24 13.72 -21.65
C SER A 399 2.88 14.36 -21.33
N THR A 400 2.79 15.03 -20.18
CA THR A 400 1.59 15.81 -19.84
C THR A 400 1.67 17.24 -20.49
N GLY A 401 2.73 17.53 -21.26
CA GLY A 401 2.89 18.81 -21.98
C GLY A 401 3.89 19.73 -21.32
N HIS A 402 3.60 21.06 -21.31
CA HIS A 402 4.52 22.05 -20.70
C HIS A 402 4.79 21.67 -19.25
N GLN A 403 6.08 21.62 -18.86
CA GLN A 403 6.51 21.16 -17.53
C GLN A 403 6.79 22.29 -16.55
N MET A 404 6.41 23.53 -16.86
CA MET A 404 6.67 24.67 -15.97
C MET A 404 6.21 24.35 -14.53
N SER A 405 7.06 24.67 -13.53
CA SER A 405 6.76 24.33 -12.13
C SER A 405 5.50 25.03 -11.54
N SER A 406 5.06 26.13 -12.14
CA SER A 406 3.85 26.83 -11.70
C SER A 406 2.56 26.19 -12.31
N ARG A 407 2.71 25.24 -13.27
CA ARG A 407 1.60 24.66 -14.05
C ARG A 407 1.14 23.31 -13.46
N LEU A 408 0.18 23.38 -12.52
CA LEU A 408 -0.38 22.20 -11.88
C LEU A 408 -1.11 21.26 -12.89
N LEU A 409 -1.54 21.80 -14.05
CA LEU A 409 -2.10 20.97 -15.12
C LEU A 409 -1.07 19.95 -15.63
N SER A 410 0.26 20.18 -15.45
CA SER A 410 1.27 19.16 -15.82
C SER A 410 1.20 17.91 -14.88
N MET A 411 0.61 18.01 -13.68
CA MET A 411 0.45 16.86 -12.75
C MET A 411 -0.84 16.09 -13.05
N ARG A 412 -1.81 16.73 -13.72
CA ARG A 412 -3.13 16.16 -14.02
C ARG A 412 -3.03 14.80 -14.73
N SER A 413 -3.58 13.76 -14.10
CA SER A 413 -3.57 12.37 -14.59
C SER A 413 -2.17 11.73 -14.65
N ALA A 414 -1.09 12.44 -14.21
CA ALA A 414 0.26 11.87 -14.27
C ALA A 414 0.37 10.72 -13.27
N ASN A 415 0.63 9.53 -13.76
CA ASN A 415 0.81 8.35 -12.90
C ASN A 415 2.31 7.97 -12.81
N ALA A 416 3.21 8.76 -13.45
CA ALA A 416 4.65 8.47 -13.40
C ALA A 416 5.50 9.72 -13.57
N LEU A 417 6.75 9.63 -13.09
CA LEU A 417 7.74 10.67 -13.26
C LEU A 417 8.90 10.03 -14.03
N LEU A 418 9.16 10.52 -15.27
CA LEU A 418 10.24 10.01 -16.12
C LEU A 418 11.52 10.62 -15.57
N GLU A 419 12.54 9.80 -15.35
CA GLU A 419 13.82 10.26 -14.82
C GLU A 419 14.71 10.55 -16.01
N LEU A 420 14.83 11.83 -16.36
CA LEU A 420 15.61 12.24 -17.52
C LEU A 420 16.97 12.73 -17.03
N PRO A 421 18.08 12.04 -17.38
CA PRO A 421 19.40 12.54 -16.92
C PRO A 421 19.73 13.92 -17.49
N ALA A 422 20.62 14.65 -16.81
CA ALA A 422 21.00 16.00 -17.23
C ALA A 422 21.98 16.01 -18.43
N THR A 423 21.50 15.72 -19.65
CA THR A 423 22.35 15.70 -20.85
C THR A 423 22.09 16.87 -21.81
N GLY A 424 20.92 17.51 -21.74
CA GLY A 424 20.57 18.60 -22.65
C GLY A 424 20.13 18.12 -24.03
N ASN A 425 20.17 16.80 -24.28
CA ASN A 425 19.84 16.20 -25.58
C ASN A 425 18.36 15.89 -25.69
N VAL A 426 17.87 15.82 -26.94
CA VAL A 426 16.49 15.49 -27.24
C VAL A 426 16.41 13.97 -27.27
N LEU A 427 15.60 13.39 -26.36
CA LEU A 427 15.36 11.95 -26.29
C LEU A 427 14.24 11.73 -27.29
N SER A 428 14.52 11.02 -28.39
CA SER A 428 13.53 10.82 -29.44
C SER A 428 12.45 9.81 -29.07
N ALA A 429 11.33 9.82 -29.82
CA ALA A 429 10.26 8.85 -29.60
C ALA A 429 10.83 7.45 -29.86
N GLY A 430 10.50 6.50 -28.99
CA GLY A 430 11.01 5.14 -29.08
C GLY A 430 12.18 4.85 -28.15
N SER A 431 12.88 5.90 -27.63
CA SER A 431 13.99 5.67 -26.70
C SER A 431 13.46 5.23 -25.33
N SER A 432 14.26 4.47 -24.57
CA SER A 432 13.86 3.94 -23.27
C SER A 432 14.37 4.78 -22.10
N VAL A 433 13.50 4.99 -21.08
CA VAL A 433 13.86 5.75 -19.89
C VAL A 433 13.34 5.05 -18.64
N SER A 434 13.91 5.40 -17.50
CA SER A 434 13.46 4.92 -16.21
C SER A 434 12.27 5.79 -15.79
N ALA A 435 11.25 5.20 -15.19
CA ALA A 435 10.09 5.95 -14.72
C ALA A 435 9.68 5.50 -13.33
N ILE A 436 9.45 6.48 -12.43
CA ILE A 436 8.96 6.23 -11.08
C ILE A 436 7.44 6.19 -11.18
N ILE A 437 6.79 5.13 -10.70
CA ILE A 437 5.33 5.03 -10.70
C ILE A 437 4.81 5.69 -9.41
N VAL A 438 3.96 6.74 -9.54
CA VAL A 438 3.48 7.54 -8.41
C VAL A 438 2.00 7.30 -8.06
N SER A 439 1.27 6.46 -8.79
CA SER A 439 -0.13 6.23 -8.45
C SER A 439 -0.50 4.79 -8.74
N ASP A 440 -1.40 4.24 -7.92
CA ASP A 440 -1.84 2.83 -7.93
C ASP A 440 -1.73 2.15 -9.27
N ILE A 441 -0.71 1.29 -9.43
CA ILE A 441 -0.50 0.48 -10.62
C ILE A 441 -1.70 -0.46 -10.89
N SER A 442 -2.54 -0.79 -9.86
CA SER A 442 -3.71 -1.67 -10.08
C SER A 442 -4.91 -0.83 -10.55
N ALA A 443 -4.80 0.51 -10.42
CA ALA A 443 -5.79 1.48 -10.89
C ALA A 443 -5.34 2.10 -12.25
N PHE A 444 -4.30 1.52 -12.93
CA PHE A 444 -3.84 2.01 -14.24
C PHE A 444 -4.92 1.75 -15.30
N SER A 445 -5.30 2.78 -16.07
CA SER A 445 -6.22 2.63 -17.18
C SER A 445 -5.52 1.79 -18.27
N ILE A 446 -6.22 0.78 -18.83
CA ILE A 446 -5.62 -0.11 -19.84
C ILE A 446 -5.54 0.60 -21.20
N ASP A 447 -4.71 0.05 -22.12
CA ASP A 447 -4.59 0.58 -23.48
C ASP A 447 -5.84 0.15 -24.27
P AMP B . 7.48 30.95 -2.29
O1P AMP B . 7.98 32.20 -2.97
O2P AMP B . 6.66 31.20 -1.04
O3P AMP B . 8.54 29.91 -2.10
O5' AMP B . 6.44 30.35 -3.37
C5' AMP B . 6.80 30.00 -4.72
C4' AMP B . 5.60 30.08 -5.66
O4' AMP B . 4.57 29.15 -5.26
C3' AMP B . 4.93 31.46 -5.69
O3' AMP B . 4.54 31.74 -7.05
C2' AMP B . 3.71 31.29 -4.78
O2' AMP B . 2.65 32.24 -5.01
C1' AMP B . 3.34 29.83 -5.03
N9 AMP B . 2.67 29.24 -3.86
C8 AMP B . 3.17 29.22 -2.60
N7 AMP B . 2.29 28.63 -1.76
C5 AMP B . 1.24 28.22 -2.51
C6 AMP B . -0.05 27.53 -2.26
N6 AMP B . -0.37 27.12 -1.04
N1 AMP B . -0.89 27.29 -3.30
C2 AMP B . -0.58 27.70 -4.54
N3 AMP B . 0.56 28.36 -4.84
C4 AMP B . 1.49 28.63 -3.88
H5'1 AMP B . 7.18 28.97 -4.72
H5'2 AMP B . 7.60 30.64 -5.07
H4' AMP B . 5.95 29.84 -6.67
H3' AMP B . 5.60 32.22 -5.29
HO3' AMP B . 3.61 31.55 -7.22
H2' AMP B . 4.06 31.43 -3.75
HO2' AMP B . 1.80 31.78 -4.95
H1' AMP B . 2.69 29.77 -5.91
H8 AMP B . 4.12 29.63 -2.29
HN61 AMP B . 0.23 27.29 -0.25
HN62 AMP B . -1.23 26.64 -0.92
H2 AMP B . -1.29 27.52 -5.34
MG MG C . 5.46 32.78 -0.40
C1 EDO D . 6.30 -4.64 3.62
O1 EDO D . 7.02 -4.19 4.78
C2 EDO D . 6.10 -3.48 2.65
O2 EDO D . 7.39 -3.00 2.20
H11 EDO D . 5.32 -5.03 3.92
H12 EDO D . 6.85 -5.44 3.13
HO1 EDO D . 6.39 -3.95 5.47
H21 EDO D . 5.55 -2.67 3.13
H22 EDO D . 5.52 -3.81 1.78
HO2 EDO D . 7.29 -2.56 1.35
C1 EDO E . -3.45 -9.90 -0.19
O1 EDO E . -4.77 -9.81 -0.75
C2 EDO E . -2.52 -8.78 -0.59
O2 EDO E . -1.22 -9.10 -0.08
H11 EDO E . -3.00 -10.84 -0.49
H12 EDO E . -3.56 -9.92 0.89
HO1 EDO E . -4.69 -9.57 -1.69
H21 EDO E . -2.85 -7.83 -0.18
H22 EDO E . -2.49 -8.70 -1.67
HO2 EDO E . -0.60 -8.38 -0.28
C1 EDO F . 11.69 24.74 -11.14
O1 EDO F . 11.54 25.87 -10.27
C2 EDO F . 11.93 25.26 -12.54
O2 EDO F . 11.58 24.28 -13.52
H11 EDO F . 10.80 24.12 -11.11
H12 EDO F . 12.52 24.12 -10.83
HO1 EDO F . 10.63 25.94 -9.97
H21 EDO F . 12.98 25.53 -12.64
H22 EDO F . 11.36 26.17 -12.69
HO2 EDO F . 11.93 24.53 -14.38
C1 EDO G . 14.84 35.33 5.63
O1 EDO G . 15.14 35.35 7.04
C2 EDO G . 15.54 36.50 4.95
O2 EDO G . 15.30 37.73 5.66
H11 EDO G . 13.76 35.42 5.49
H12 EDO G . 15.16 34.39 5.19
HO1 EDO G . 14.42 35.79 7.51
H21 EDO G . 15.20 36.59 3.92
H22 EDO G . 16.62 36.30 4.93
HO2 EDO G . 14.43 37.71 6.10
C ACE H . -2.05 -8.76 20.43
O ACE H . -2.73 -9.11 21.39
CH3 ACE H . -0.55 -8.87 20.50
H1 ACE H . -0.26 -9.87 20.28
H2 ACE H . -0.12 -8.21 19.81
H3 ACE H . -0.22 -8.64 21.48
C ACE I . -9.87 15.41 5.28
O ACE I . -10.95 14.87 5.46
CH3 ACE I . -8.65 15.04 6.08
H1 ACE I . -8.22 14.16 5.69
H2 ACE I . -7.95 15.82 6.05
H3 ACE I . -8.94 14.85 7.09
C ACE J . -10.67 38.29 -0.73
O ACE J . -10.51 37.17 -1.20
CH3 ACE J . -12.07 38.83 -0.50
H1 ACE J . -12.11 39.25 0.47
H2 ACE J . -12.29 39.57 -1.22
H3 ACE J . -12.77 38.03 -0.58
#